data_4Y2N
#
_entry.id   4Y2N
#
_cell.length_a   114.723
_cell.length_b   114.723
_cell.length_c   67.081
_cell.angle_alpha   90.00
_cell.angle_beta   90.00
_cell.angle_gamma   120.00
#
_symmetry.space_group_name_H-M   'P 3 2 1'
#
loop_
_entity.id
_entity.type
_entity.pdbx_description
1 polymer 'CFA/I fimbrial subunit B'
2 non-polymer 'MAGNESIUM ION'
3 non-polymer 1,2-ETHANEDIOL
4 water water
#
_entity_poly.entity_id   1
_entity_poly.type   'polypeptide(L)'
_entity_poly.pdbx_seq_one_letter_code
;MHHHHHHEKNITVTASVDPVIDLLQADGNALPSAVKLAYSPASKTFESYRVMTQVHTNDATKKVIVKLADTPQLTDVLNS
TVQMPISVSWGGQVLSTTAKEFEAAALGYSASGVNGVSSSQELVISAAPKTAGTAPTAGNYSGVVSLVMTLGS
;
_entity_poly.pdbx_strand_id   B,A,C
#
loop_
_chem_comp.id
_chem_comp.type
_chem_comp.name
_chem_comp.formula
EDO non-polymer 1,2-ETHANEDIOL 'C2 H6 O2'
MG non-polymer 'MAGNESIUM ION' 'Mg 2'
#
# COMPACT_ATOMS: atom_id res chain seq x y z
N HIS A 5 45.80 10.20 19.38
CA HIS A 5 45.25 11.07 18.35
C HIS A 5 44.21 10.33 17.51
N HIS A 6 43.59 9.32 18.10
CA HIS A 6 42.59 8.53 17.42
C HIS A 6 41.21 8.74 18.05
N HIS A 7 40.29 9.31 17.29
CA HIS A 7 38.94 9.59 17.80
C HIS A 7 37.88 8.86 17.01
N GLU A 8 37.30 7.83 17.60
CA GLU A 8 36.37 6.97 16.90
C GLU A 8 35.07 6.81 17.65
N LYS A 9 33.96 6.82 16.91
CA LYS A 9 32.65 6.60 17.50
C LYS A 9 32.01 5.36 16.92
N ASN A 10 31.67 4.42 17.78
CA ASN A 10 31.12 3.14 17.33
C ASN A 10 29.63 3.10 17.50
N ILE A 11 28.93 2.53 16.52
CA ILE A 11 27.48 2.44 16.64
C ILE A 11 27.07 1.05 16.24
N THR A 12 26.33 0.36 17.10
CA THR A 12 25.94 -1.01 16.78
C THR A 12 24.69 -1.00 15.92
N VAL A 13 24.76 -1.69 14.79
CA VAL A 13 23.66 -1.75 13.86
C VAL A 13 23.02 -3.15 13.80
N THR A 14 21.73 -3.23 14.17
CA THR A 14 21.03 -4.51 14.16
C THR A 14 19.77 -4.45 13.32
N ALA A 15 19.23 -5.60 12.96
CA ALA A 15 18.06 -5.66 12.12
C ALA A 15 17.38 -7.02 12.17
N SER A 16 16.06 -7.01 12.28
CA SER A 16 15.27 -8.23 12.25
C SER A 16 14.54 -8.28 10.91
N VAL A 17 15.10 -9.06 9.99
CA VAL A 17 14.58 -9.13 8.65
C VAL A 17 13.66 -10.31 8.50
N ASP A 18 12.46 -10.00 8.04
CA ASP A 18 11.46 -10.95 7.66
C ASP A 18 10.95 -10.54 6.27
N PRO A 19 10.99 -11.57 5.31
CA PRO A 19 10.61 -11.16 3.97
C PRO A 19 9.14 -11.27 3.61
N VAL A 20 8.32 -11.83 4.49
CA VAL A 20 6.91 -12.08 4.19
C VAL A 20 5.95 -11.11 4.88
N ILE A 21 6.12 -10.93 6.18
CA ILE A 21 5.37 -9.96 6.94
C ILE A 21 6.18 -9.41 8.09
N ASP A 22 6.00 -8.15 8.37
CA ASP A 22 6.64 -7.52 9.50
C ASP A 22 5.82 -6.33 9.94
N LEU A 23 5.73 -6.11 11.25
CA LEU A 23 5.10 -4.92 11.79
C LEU A 23 6.13 -3.86 12.23
N LEU A 24 6.16 -2.74 11.52
CA LEU A 24 6.99 -1.58 11.82
C LEU A 24 6.16 -0.45 12.40
N GLN A 25 6.82 0.61 12.84
CA GLN A 25 6.17 1.83 13.31
C GLN A 25 5.66 2.65 12.13
N ALA A 26 4.65 3.49 12.37
CA ALA A 26 4.15 4.39 11.32
C ALA A 26 5.20 5.28 10.64
N ASP A 27 6.28 5.58 11.35
CA ASP A 27 7.29 6.51 10.84
C ASP A 27 8.37 5.76 10.10
N GLY A 28 8.24 4.46 10.12
CA GLY A 28 9.17 3.58 9.47
C GLY A 28 10.28 3.01 10.33
N ASN A 29 10.47 3.60 11.50
CA ASN A 29 11.33 3.06 12.51
C ASN A 29 10.85 1.71 12.96
N ALA A 30 11.80 0.86 13.30
CA ALA A 30 11.56 -0.43 13.91
C ALA A 30 10.97 -0.34 15.27
N LEU A 31 10.10 -1.26 15.63
CA LEU A 31 9.56 -1.35 16.96
C LEU A 31 10.69 -1.56 17.97
N PRO A 32 10.45 -1.19 19.23
CA PRO A 32 11.37 -1.45 20.32
C PRO A 32 11.48 -2.92 20.67
N SER A 33 12.69 -3.33 21.06
CA SER A 33 12.91 -4.62 21.65
C SER A 33 12.29 -4.64 23.03
N ALA A 34 12.29 -3.48 23.67
CA ALA A 34 11.90 -3.42 25.08
C ALA A 34 11.09 -2.18 25.36
N VAL A 35 10.11 -2.30 26.26
CA VAL A 35 9.34 -1.15 26.69
C VAL A 35 9.17 -1.10 28.20
N LYS A 36 9.33 0.10 28.75
CA LYS A 36 9.13 0.30 30.17
C LYS A 36 7.80 1.01 30.46
N LEU A 37 6.99 0.37 31.30
CA LEU A 37 5.72 0.89 31.77
C LEU A 37 5.81 1.50 33.17
N ALA A 38 5.58 2.80 33.30
CA ALA A 38 5.46 3.40 34.64
C ALA A 38 4.13 3.02 35.29
N TYR A 39 4.04 3.14 36.61
CA TYR A 39 2.81 2.86 37.37
C TYR A 39 2.50 4.03 38.29
N SER A 40 1.23 4.35 38.46
CA SER A 40 0.91 5.54 39.23
C SER A 40 0.28 5.15 40.56
N PRO A 41 0.93 5.51 41.63
CA PRO A 41 0.43 5.34 42.98
C PRO A 41 -0.80 6.19 43.18
N ALA A 42 -0.82 7.37 42.58
CA ALA A 42 -1.97 8.21 42.72
C ALA A 42 -3.24 7.64 42.12
N SER A 43 -3.18 7.22 40.86
CA SER A 43 -4.33 6.68 40.14
C SER A 43 -4.40 5.18 40.22
N LYS A 44 -3.43 4.61 40.88
CA LYS A 44 -3.38 3.17 41.02
C LYS A 44 -3.45 2.38 39.70
N THR A 45 -2.79 2.86 38.66
CA THR A 45 -2.83 2.19 37.36
C THR A 45 -1.51 2.37 36.61
N PHE A 46 -1.33 1.63 35.54
CA PHE A 46 -0.16 1.71 34.69
C PHE A 46 -0.42 2.58 33.48
N GLU A 47 0.59 3.28 33.03
CA GLU A 47 0.47 3.99 31.80
C GLU A 47 0.83 3.14 30.65
N SER A 48 -0.17 2.85 29.86
CA SER A 48 -0.09 2.07 28.67
C SER A 48 0.92 2.64 27.73
N TYR A 49 1.53 1.77 26.98
CA TYR A 49 2.48 2.16 26.01
C TYR A 49 1.68 2.12 24.73
N ARG A 50 1.79 3.14 23.88
CA ARG A 50 1.03 3.20 22.62
C ARG A 50 1.92 3.64 21.49
N VAL A 51 1.73 3.06 20.31
CA VAL A 51 2.63 3.40 19.20
C VAL A 51 1.89 3.13 17.89
N MET A 52 2.05 4.00 16.90
CA MET A 52 1.35 3.74 15.64
C MET A 52 2.16 2.82 14.75
N THR A 53 1.52 1.75 14.28
CA THR A 53 2.20 0.76 13.49
C THR A 53 1.56 0.60 12.11
N GLN A 54 2.27 -0.08 11.22
CA GLN A 54 1.77 -0.49 9.92
C GLN A 54 2.36 -1.85 9.52
N VAL A 55 1.50 -2.84 9.33
CA VAL A 55 1.93 -4.06 8.70
C VAL A 55 2.56 -3.77 7.35
N HIS A 56 3.73 -4.35 7.08
CA HIS A 56 4.27 -4.42 5.72
C HIS A 56 4.31 -5.88 5.30
N THR A 57 3.70 -6.17 4.15
CA THR A 57 3.58 -7.53 3.70
C THR A 57 4.02 -7.62 2.24
N ASN A 58 4.15 -8.82 1.75
CA ASN A 58 4.43 -9.02 0.37
C ASN A 58 3.19 -9.46 -0.35
N ASP A 59 2.10 -9.55 0.35
CA ASP A 59 0.85 -9.88 -0.21
C ASP A 59 -0.22 -9.18 0.53
N ALA A 60 -0.74 -8.16 -0.11
CA ALA A 60 -1.74 -7.32 0.46
C ALA A 60 -3.13 -7.86 0.20
N THR A 61 -3.25 -8.94 -0.52
CA THR A 61 -4.54 -9.59 -0.70
C THR A 61 -4.88 -10.55 0.43
N LYS A 62 -3.91 -10.87 1.27
CA LYS A 62 -4.09 -11.93 2.28
C LYS A 62 -4.67 -11.42 3.59
N LYS A 63 -5.35 -12.31 4.31
CA LYS A 63 -5.89 -11.99 5.61
C LYS A 63 -4.73 -11.79 6.59
N VAL A 64 -4.96 -11.22 7.76
CA VAL A 64 -3.89 -11.18 8.74
C VAL A 64 -4.31 -11.66 10.13
N ILE A 65 -3.67 -12.75 10.56
CA ILE A 65 -3.97 -13.43 11.81
C ILE A 65 -2.91 -13.02 12.80
N VAL A 66 -3.31 -12.65 14.01
CA VAL A 66 -2.36 -12.16 15.01
C VAL A 66 -2.73 -12.73 16.37
N LYS A 67 -1.74 -13.11 17.17
CA LYS A 67 -2.03 -13.78 18.43
C LYS A 67 -0.79 -13.73 19.30
N LEU A 68 -0.95 -13.86 20.61
CA LEU A 68 0.24 -13.93 21.47
C LEU A 68 0.68 -15.37 21.62
N ALA A 69 1.96 -15.59 21.88
CA ALA A 69 2.49 -16.95 21.89
C ALA A 69 2.28 -17.57 23.25
N ASP A 70 2.14 -16.70 24.26
CA ASP A 70 1.84 -17.12 25.61
C ASP A 70 1.24 -15.95 26.37
N THR A 71 0.27 -16.21 27.23
CA THR A 71 -0.35 -15.15 28.04
C THR A 71 0.66 -14.37 28.87
N PRO A 72 0.84 -13.08 28.53
CA PRO A 72 1.92 -12.24 29.08
C PRO A 72 1.61 -11.72 30.48
N GLN A 73 2.63 -11.71 31.33
CA GLN A 73 2.43 -11.31 32.72
C GLN A 73 3.61 -10.47 33.19
N LEU A 74 3.36 -9.58 34.14
CA LEU A 74 4.46 -8.90 34.80
C LEU A 74 4.80 -9.78 35.95
N THR A 75 6.07 -10.11 36.09
CA THR A 75 6.50 -11.08 37.09
C THR A 75 7.48 -10.41 38.02
N ASP A 76 7.28 -10.59 39.31
CA ASP A 76 8.21 -10.05 40.28
C ASP A 76 9.52 -10.71 40.04
N VAL A 77 10.54 -9.90 39.99
CA VAL A 77 11.82 -10.30 39.52
C VAL A 77 12.69 -10.83 40.68
N LEU A 78 12.09 -10.83 41.87
CA LEU A 78 12.66 -11.46 43.06
C LEU A 78 11.72 -12.54 43.59
N ASN A 79 10.55 -12.68 42.99
CA ASN A 79 9.58 -13.64 43.45
C ASN A 79 8.69 -13.97 42.30
N SER A 80 8.88 -15.12 41.73
CA SER A 80 8.14 -15.52 40.57
C SER A 80 6.67 -15.75 40.82
N THR A 81 6.26 -15.84 42.07
CA THR A 81 4.85 -16.07 42.36
C THR A 81 4.04 -14.81 42.20
N VAL A 82 4.70 -13.67 42.07
CA VAL A 82 3.98 -12.43 42.02
C VAL A 82 3.80 -11.99 40.58
N GLN A 83 2.55 -11.91 40.17
CA GLN A 83 2.22 -11.50 38.80
C GLN A 83 1.07 -10.51 38.68
N MET A 84 1.25 -9.60 37.74
CA MET A 84 0.17 -8.79 37.22
C MET A 84 0.09 -9.03 35.74
N PRO A 85 -1.12 -9.28 35.24
CA PRO A 85 -1.33 -9.69 33.85
C PRO A 85 -1.12 -8.51 32.91
N ILE A 86 -0.58 -8.80 31.75
CA ILE A 86 -0.31 -7.79 30.74
C ILE A 86 -1.45 -7.77 29.74
N SER A 87 -1.92 -6.58 29.37
CA SER A 87 -2.96 -6.46 28.33
C SER A 87 -2.35 -5.88 27.08
N VAL A 88 -2.59 -6.52 25.94
CA VAL A 88 -2.08 -6.13 24.65
C VAL A 88 -3.25 -5.79 23.71
N SER A 89 -3.06 -4.82 22.82
CA SER A 89 -4.10 -4.39 21.86
C SER A 89 -3.51 -4.00 20.53
N TRP A 90 -4.19 -4.39 19.45
CA TRP A 90 -3.75 -3.89 18.16
C TRP A 90 -4.90 -3.63 17.20
N GLY A 91 -4.79 -2.52 16.47
CA GLY A 91 -5.83 -2.08 15.53
C GLY A 91 -7.20 -2.23 16.14
N GLY A 92 -7.33 -1.78 17.38
CA GLY A 92 -8.59 -1.85 18.10
C GLY A 92 -9.10 -3.20 18.53
N GLN A 93 -8.37 -4.28 18.24
CA GLN A 93 -8.78 -5.61 18.71
C GLN A 93 -7.87 -6.10 19.81
N VAL A 94 -8.44 -6.45 20.96
CA VAL A 94 -7.64 -7.01 22.05
C VAL A 94 -7.03 -8.33 21.60
N LEU A 95 -5.72 -8.44 21.79
CA LEU A 95 -4.94 -9.65 21.49
C LEU A 95 -5.02 -10.73 22.58
N SER A 96 -4.69 -11.95 22.19
CA SER A 96 -4.62 -13.08 23.10
C SER A 96 -3.91 -14.28 22.52
N THR A 97 -3.90 -15.36 23.27
CA THR A 97 -3.52 -16.66 22.78
C THR A 97 -4.50 -17.17 21.73
N THR A 98 -5.76 -16.85 21.91
CA THR A 98 -6.84 -17.06 20.99
C THR A 98 -6.62 -16.06 19.86
N ALA A 99 -6.39 -16.57 18.64
CA ALA A 99 -6.12 -15.70 17.50
C ALA A 99 -7.23 -14.69 17.18
N LYS A 100 -6.86 -13.65 16.43
CA LYS A 100 -7.81 -12.68 15.93
C LYS A 100 -7.53 -12.48 14.45
N GLU A 101 -8.58 -12.26 13.66
CA GLU A 101 -8.44 -12.06 12.21
C GLU A 101 -8.70 -10.62 11.79
N PHE A 102 -7.96 -10.20 10.77
CA PHE A 102 -7.98 -8.85 10.28
C PHE A 102 -8.00 -8.95 8.77
N GLU A 103 -9.13 -8.65 8.16
CA GLU A 103 -9.27 -8.76 6.72
C GLU A 103 -8.40 -7.74 6.00
N ALA A 104 -7.87 -8.12 4.85
CA ALA A 104 -7.04 -7.23 4.08
C ALA A 104 -7.72 -5.90 3.75
N ALA A 105 -9.05 -5.85 3.84
CA ALA A 105 -9.75 -4.66 3.42
C ALA A 105 -10.02 -3.75 4.60
N ALA A 106 -9.89 -4.31 5.80
CA ALA A 106 -10.18 -3.55 7.00
C ALA A 106 -8.87 -2.99 7.53
N LEU A 107 -7.84 -3.16 6.72
CA LEU A 107 -6.51 -2.75 7.09
C LEU A 107 -6.11 -1.46 6.42
N GLY A 108 -6.74 -1.15 5.29
CA GLY A 108 -6.57 0.14 4.66
C GLY A 108 -5.35 0.23 3.78
N TYR A 109 -5.08 -0.86 3.10
CA TYR A 109 -3.96 -1.00 2.21
C TYR A 109 -3.92 -0.06 1.03
N SER A 110 -5.08 0.30 0.53
CA SER A 110 -5.22 1.28 -0.53
C SER A 110 -4.91 2.70 -0.12
N ALA A 111 -5.37 3.03 1.05
CA ALA A 111 -5.39 4.37 1.54
C ALA A 111 -4.04 4.90 1.90
N SER A 112 -3.02 4.07 1.93
CA SER A 112 -1.73 4.51 2.41
C SER A 112 -0.51 4.11 1.62
N GLY A 113 0.29 5.09 1.18
CA GLY A 113 1.67 4.81 0.90
C GLY A 113 1.93 3.78 -0.19
N VAL A 114 3.04 3.08 -0.05
CA VAL A 114 3.52 2.18 -1.11
C VAL A 114 2.66 0.90 -1.15
N ASN A 115 2.86 0.08 -2.18
CA ASN A 115 2.25 -1.24 -2.21
C ASN A 115 2.60 -2.05 -0.94
N GLY A 116 1.65 -2.86 -0.47
CA GLY A 116 1.87 -3.77 0.63
C GLY A 116 1.98 -3.18 2.03
N VAL A 117 1.66 -1.91 2.19
CA VAL A 117 1.77 -1.26 3.48
C VAL A 117 0.38 -0.83 3.92
N SER A 118 0.08 -1.04 5.18
CA SER A 118 -1.27 -0.86 5.67
C SER A 118 -1.50 0.56 6.12
N SER A 119 -2.76 0.91 6.40
CA SER A 119 -3.03 2.14 7.13
C SER A 119 -2.42 1.97 8.50
N SER A 120 -2.38 3.02 9.29
CA SER A 120 -1.83 2.94 10.63
C SER A 120 -2.82 2.38 11.64
N GLN A 121 -2.28 1.69 12.64
CA GLN A 121 -3.07 0.94 13.64
C GLN A 121 -2.43 1.04 15.01
N GLU A 122 -3.24 1.22 16.05
CA GLU A 122 -2.67 1.47 17.35
C GLU A 122 -2.33 0.16 18.06
N LEU A 123 -1.08 0.03 18.47
CA LEU A 123 -0.65 -1.08 19.31
C LEU A 123 -0.57 -0.59 20.74
N VAL A 124 -1.24 -1.27 21.66
CA VAL A 124 -1.21 -0.85 23.05
C VAL A 124 -0.79 -2.00 23.97
N ILE A 125 0.25 -1.78 24.76
CA ILE A 125 0.59 -2.68 25.85
C ILE A 125 0.45 -1.97 27.19
N SER A 126 -0.46 -2.42 28.01
CA SER A 126 -0.49 -1.92 29.37
C SER A 126 -0.54 -3.09 30.35
N ALA A 127 -0.69 -2.81 31.63
CA ALA A 127 -0.93 -3.89 32.56
C ALA A 127 -1.82 -3.36 33.65
N ALA A 128 -2.14 -4.25 34.58
CA ALA A 128 -3.01 -3.93 35.68
C ALA A 128 -2.73 -4.85 36.85
N PRO A 129 -3.06 -4.41 38.07
CA PRO A 129 -3.13 -5.27 39.25
C PRO A 129 -4.17 -6.35 39.01
N LYS A 130 -4.10 -7.45 39.76
CA LYS A 130 -5.07 -8.57 39.66
C LYS A 130 -6.53 -8.27 40.06
N THR A 131 -6.71 -7.59 41.18
CA THR A 131 -8.00 -7.04 41.58
C THR A 131 -7.87 -5.55 41.84
N ALA A 132 -8.37 -4.74 40.91
CA ALA A 132 -8.27 -3.29 41.00
C ALA A 132 -8.57 -2.77 42.41
N GLY A 133 -9.28 -3.59 43.19
CA GLY A 133 -9.62 -3.23 44.54
C GLY A 133 -8.43 -3.30 45.48
N THR A 134 -7.25 -3.56 44.90
CA THR A 134 -6.02 -3.65 45.69
C THR A 134 -4.80 -3.26 44.87
N ALA A 135 -3.75 -2.84 45.56
CA ALA A 135 -2.51 -2.42 44.90
C ALA A 135 -1.52 -3.58 44.79
N PRO A 136 -0.50 -3.40 43.96
CA PRO A 136 0.52 -4.44 43.76
C PRO A 136 1.58 -4.23 44.79
N THR A 137 2.44 -5.22 45.02
CA THR A 137 3.53 -5.02 45.96
C THR A 137 4.65 -4.32 45.22
N ALA A 138 5.44 -3.52 45.94
CA ALA A 138 6.50 -2.75 45.34
C ALA A 138 7.60 -3.66 44.84
N GLY A 139 8.32 -3.23 43.81
CA GLY A 139 9.47 -3.97 43.38
C GLY A 139 9.53 -3.89 41.89
N ASN A 140 10.51 -4.55 41.29
CA ASN A 140 10.59 -4.55 39.85
C ASN A 140 9.99 -5.81 39.30
N TYR A 141 9.40 -5.69 38.12
CA TYR A 141 8.81 -6.81 37.44
C TYR A 141 9.32 -6.80 36.04
N SER A 142 9.04 -7.89 35.34
CA SER A 142 9.31 -7.97 33.93
C SER A 142 8.63 -9.17 33.30
N GLY A 143 8.56 -9.15 31.98
CA GLY A 143 7.69 -10.02 31.22
C GLY A 143 8.03 -9.91 29.74
N VAL A 144 7.33 -10.66 28.89
CA VAL A 144 7.56 -10.62 27.46
C VAL A 144 6.27 -10.65 26.63
N VAL A 145 6.12 -9.68 25.75
CA VAL A 145 5.03 -9.73 24.79
C VAL A 145 5.61 -10.32 23.55
N SER A 146 4.99 -11.42 23.17
CA SER A 146 5.45 -12.21 22.07
C SER A 146 4.39 -12.25 20.99
N LEU A 147 4.59 -11.43 19.98
CA LEU A 147 3.56 -11.17 18.99
C LEU A 147 3.66 -12.21 17.88
N VAL A 148 2.55 -12.85 17.55
CA VAL A 148 2.60 -13.86 16.50
C VAL A 148 1.59 -13.68 15.39
N MET A 149 2.09 -13.63 14.16
CA MET A 149 1.22 -13.39 13.02
C MET A 149 1.51 -14.17 11.73
N THR A 150 0.49 -14.76 11.19
CA THR A 150 0.52 -15.34 9.88
C THR A 150 -0.33 -14.48 8.99
N LEU A 151 0.01 -14.36 7.71
CA LEU A 151 -0.97 -13.87 6.77
C LEU A 151 -1.96 -14.85 6.09
N GLY A 152 -1.49 -15.97 5.62
CA GLY A 152 -2.36 -16.93 4.95
C GLY A 152 -2.35 -17.06 3.44
N SER A 153 -3.14 -17.99 2.97
CA SER A 153 -3.19 -18.41 1.59
C SER A 153 -4.41 -19.29 1.46
N HIS B 7 3.97 43.41 33.08
CA HIS B 7 4.13 43.34 31.63
C HIS B 7 3.03 42.50 30.97
N GLU B 8 2.74 42.79 29.70
CA GLU B 8 1.58 42.19 29.03
C GLU B 8 1.89 41.45 27.73
N LYS B 9 1.56 40.16 27.72
CA LYS B 9 1.68 39.35 26.53
C LYS B 9 0.28 38.87 26.23
N ASN B 10 -0.14 38.92 24.97
CA ASN B 10 -1.50 38.53 24.68
C ASN B 10 -1.67 37.26 23.87
N ILE B 11 -2.58 36.42 24.32
CA ILE B 11 -2.86 35.16 23.66
C ILE B 11 -4.35 34.92 23.46
N THR B 12 -4.72 34.60 22.23
CA THR B 12 -6.10 34.34 21.89
C THR B 12 -6.46 32.93 22.20
N VAL B 13 -7.53 32.73 22.93
CA VAL B 13 -8.00 31.38 23.17
C VAL B 13 -9.32 31.17 22.46
N THR B 14 -9.36 30.18 21.59
CA THR B 14 -10.59 29.83 20.92
C THR B 14 -10.79 28.35 21.13
N ALA B 15 -12.02 27.90 21.01
CA ALA B 15 -12.38 26.51 21.15
C ALA B 15 -13.64 26.26 20.35
N SER B 16 -14.02 25.01 20.16
CA SER B 16 -15.14 24.63 19.34
C SER B 16 -16.03 23.55 19.90
N VAL B 17 -16.91 23.89 20.82
CA VAL B 17 -17.74 22.91 21.48
C VAL B 17 -18.75 22.14 20.61
N ASP B 18 -18.94 20.87 20.92
CA ASP B 18 -20.03 20.07 20.38
C ASP B 18 -20.22 18.83 21.23
N PRO B 19 -21.39 18.75 22.01
CA PRO B 19 -21.34 17.68 23.04
C PRO B 19 -22.02 16.33 22.77
N VAL B 20 -22.41 16.06 21.56
CA VAL B 20 -22.95 14.77 21.20
C VAL B 20 -21.83 13.92 20.66
N ILE B 21 -20.98 14.52 19.83
CA ILE B 21 -19.87 13.84 19.21
C ILE B 21 -18.90 14.87 18.63
N ASP B 22 -17.60 14.61 18.79
CA ASP B 22 -16.57 15.52 18.29
C ASP B 22 -15.40 14.71 17.73
N LEU B 23 -14.40 15.40 17.19
CA LEU B 23 -13.19 14.71 16.78
C LEU B 23 -11.94 15.49 17.19
N LEU B 24 -11.05 14.83 17.93
CA LEU B 24 -9.80 15.45 18.32
C LEU B 24 -8.65 14.51 18.03
N GLN B 25 -7.44 15.06 18.06
CA GLN B 25 -6.26 14.24 17.85
C GLN B 25 -6.06 13.31 19.03
N ALA B 26 -5.41 12.19 18.76
CA ALA B 26 -5.05 11.21 19.80
C ALA B 26 -4.41 11.88 21.03
N ASP B 27 -3.54 12.84 20.79
CA ASP B 27 -2.84 13.50 21.89
C ASP B 27 -3.75 14.43 22.68
N GLY B 28 -5.04 14.44 22.35
CA GLY B 28 -5.99 15.29 23.04
C GLY B 28 -6.12 16.73 22.59
N ASN B 29 -5.16 17.23 21.81
CA ASN B 29 -5.28 18.59 21.28
C ASN B 29 -6.32 18.64 20.17
N ALA B 30 -6.81 19.83 19.84
CA ALA B 30 -7.78 19.94 18.75
C ALA B 30 -7.07 19.82 17.43
N LEU B 31 -7.75 19.22 16.46
CA LEU B 31 -7.34 19.28 15.06
C LEU B 31 -7.18 20.73 14.65
N PRO B 32 -6.30 21.00 13.67
CA PRO B 32 -6.16 22.37 13.23
C PRO B 32 -7.37 22.78 12.40
N SER B 33 -7.45 24.03 12.02
CA SER B 33 -8.58 24.51 11.25
C SER B 33 -8.16 24.57 9.80
N ALA B 34 -6.85 24.51 9.56
CA ALA B 34 -6.31 24.54 8.20
C ALA B 34 -5.03 23.74 8.09
N VAL B 35 -4.70 23.28 6.88
CA VAL B 35 -3.50 22.52 6.62
C VAL B 35 -2.89 22.82 5.25
N LYS B 36 -1.57 23.00 5.22
CA LYS B 36 -0.84 23.19 3.99
C LYS B 36 -0.26 21.86 3.49
N LEU B 37 -0.68 21.44 2.29
CA LEU B 37 -0.07 20.29 1.67
C LEU B 37 1.09 20.75 0.84
N ALA B 38 2.01 19.83 0.61
CA ALA B 38 3.19 20.08 -0.18
C ALA B 38 3.07 19.28 -1.49
N TYR B 39 3.80 19.71 -2.51
CA TYR B 39 3.85 19.00 -3.78
C TYR B 39 5.30 18.83 -4.13
N SER B 40 5.68 17.68 -4.70
CA SER B 40 7.08 17.49 -5.04
C SER B 40 7.34 17.48 -6.55
N PRO B 41 8.22 18.39 -7.01
CA PRO B 41 8.78 18.43 -8.37
C PRO B 41 9.45 17.12 -8.74
N ALA B 42 10.50 16.74 -7.99
CA ALA B 42 11.17 15.44 -8.19
C ALA B 42 10.25 14.21 -8.30
N SER B 43 9.39 13.96 -7.31
CA SER B 43 8.48 12.82 -7.39
C SER B 43 7.15 13.11 -8.09
N LYS B 44 6.91 14.37 -8.45
CA LYS B 44 5.67 14.81 -9.12
C LYS B 44 4.40 14.44 -8.36
N THR B 45 4.45 14.48 -7.03
CA THR B 45 3.31 14.05 -6.22
C THR B 45 3.12 14.98 -5.04
N PHE B 46 2.13 14.73 -4.20
CA PHE B 46 2.00 15.54 -3.00
C PHE B 46 2.17 14.77 -1.70
N GLU B 47 3.09 15.23 -0.88
CA GLU B 47 3.15 14.65 0.42
C GLU B 47 1.81 14.84 1.13
N SER B 48 1.30 13.76 1.68
CA SER B 48 -0.01 13.71 2.31
C SER B 48 0.08 14.29 3.69
N TYR B 49 -1.01 14.26 4.43
CA TYR B 49 -1.00 14.77 5.77
C TYR B 49 -1.56 13.70 6.69
N ARG B 50 -0.73 13.11 7.54
CA ARG B 50 -1.24 12.07 8.41
C ARG B 50 -1.46 12.64 9.81
N VAL B 51 -2.51 12.21 10.50
CA VAL B 51 -2.76 12.59 11.88
C VAL B 51 -3.66 11.58 12.59
N MET B 52 -3.46 11.40 13.90
CA MET B 52 -4.17 10.41 14.66
C MET B 52 -5.25 11.03 15.49
N THR B 53 -6.42 10.42 15.41
CA THR B 53 -7.57 10.98 16.06
C THR B 53 -8.30 9.95 16.86
N GLN B 54 -8.93 10.42 17.93
CA GLN B 54 -9.85 9.63 18.69
C GLN B 54 -11.24 10.27 18.61
N VAL B 55 -12.21 9.51 18.14
CA VAL B 55 -13.60 9.92 18.17
C VAL B 55 -14.13 9.92 19.58
N HIS B 56 -14.69 11.03 20.00
CA HIS B 56 -15.38 11.09 21.27
C HIS B 56 -16.88 11.06 21.03
N THR B 57 -17.64 10.65 22.04
CA THR B 57 -19.09 10.50 21.91
C THR B 57 -19.76 10.38 23.25
N ASN B 58 -21.07 10.56 23.29
CA ASN B 58 -21.82 10.31 24.51
C ASN B 58 -22.49 8.93 24.47
N ASP B 59 -22.35 8.24 23.34
CA ASP B 59 -22.91 6.91 23.16
C ASP B 59 -22.03 6.06 22.24
N ALA B 60 -21.33 5.09 22.82
CA ALA B 60 -20.40 4.27 22.06
C ALA B 60 -21.10 3.20 21.23
N THR B 61 -22.37 2.94 21.53
CA THR B 61 -23.12 1.84 20.95
C THR B 61 -23.47 2.06 19.49
N LYS B 62 -23.39 3.32 19.05
CA LYS B 62 -23.82 3.67 17.70
C LYS B 62 -22.73 3.43 16.67
N LYS B 63 -23.16 3.03 15.49
CA LYS B 63 -22.31 2.93 14.32
C LYS B 63 -22.02 4.36 13.86
N VAL B 64 -21.05 4.53 12.97
CA VAL B 64 -20.65 5.86 12.54
C VAL B 64 -20.42 5.95 11.04
N ILE B 65 -21.22 6.78 10.37
CA ILE B 65 -21.14 6.98 8.92
C ILE B 65 -20.39 8.27 8.57
N VAL B 66 -19.64 8.22 7.49
CA VAL B 66 -18.73 9.29 7.11
C VAL B 66 -18.83 9.64 5.62
N LYS B 67 -18.83 10.94 5.33
CA LYS B 67 -18.74 11.45 3.97
C LYS B 67 -18.37 12.93 3.97
N LEU B 68 -17.81 13.39 2.88
CA LEU B 68 -17.49 14.79 2.74
C LEU B 68 -18.75 15.54 2.33
N ALA B 69 -19.03 16.65 3.00
CA ALA B 69 -20.19 17.51 2.71
C ALA B 69 -20.28 17.75 1.22
N ASP B 70 -19.11 17.84 0.59
CA ASP B 70 -19.02 17.89 -0.87
C ASP B 70 -17.61 17.55 -1.38
N THR B 71 -17.55 17.00 -2.60
CA THR B 71 -16.31 16.51 -3.22
C THR B 71 -15.16 17.54 -3.26
N PRO B 72 -14.05 17.23 -2.54
CA PRO B 72 -12.95 18.13 -2.15
C PRO B 72 -11.93 18.44 -3.25
N GLN B 73 -11.62 19.73 -3.44
CA GLN B 73 -10.70 20.16 -4.49
C GLN B 73 -9.78 21.30 -4.09
N LEU B 74 -8.63 21.36 -4.76
CA LEU B 74 -7.71 22.47 -4.60
C LEU B 74 -7.79 23.35 -5.82
N THR B 75 -8.41 24.50 -5.65
CA THR B 75 -8.73 25.37 -6.77
C THR B 75 -7.76 26.53 -6.83
N ASP B 76 -7.15 26.71 -8.00
CA ASP B 76 -6.25 27.84 -8.24
C ASP B 76 -6.94 29.12 -7.79
N VAL B 77 -6.17 29.98 -7.15
CA VAL B 77 -6.79 31.06 -6.42
C VAL B 77 -6.93 32.24 -7.35
N LEU B 78 -6.26 32.17 -8.48
CA LEU B 78 -6.35 33.11 -9.58
C LEU B 78 -7.06 32.56 -10.81
N ASN B 79 -7.52 31.33 -10.77
CA ASN B 79 -8.23 30.77 -11.89
C ASN B 79 -9.07 29.59 -11.44
N SER B 80 -10.38 29.74 -11.39
CA SER B 80 -11.24 28.68 -10.94
C SER B 80 -11.16 27.43 -11.83
N THR B 81 -10.71 27.60 -13.06
CA THR B 81 -10.83 26.51 -14.03
C THR B 81 -9.82 25.42 -13.74
N VAL B 82 -8.91 25.71 -12.82
CA VAL B 82 -7.80 24.82 -12.49
C VAL B 82 -8.06 24.19 -11.14
N GLN B 83 -8.36 22.90 -11.15
CA GLN B 83 -8.73 22.23 -9.94
C GLN B 83 -8.11 20.84 -9.94
N MET B 84 -7.13 20.63 -9.05
CA MET B 84 -6.56 19.32 -8.76
C MET B 84 -7.27 18.71 -7.56
N PRO B 85 -7.79 17.49 -7.72
CA PRO B 85 -8.71 16.81 -6.79
C PRO B 85 -8.04 16.46 -5.46
N ILE B 86 -8.81 16.45 -4.38
CA ILE B 86 -8.27 16.16 -3.05
C ILE B 86 -8.58 14.73 -2.55
N SER B 87 -7.55 13.99 -2.18
CA SER B 87 -7.74 12.59 -1.76
C SER B 87 -7.84 12.46 -0.25
N VAL B 88 -8.99 12.00 0.23
CA VAL B 88 -9.22 11.90 1.67
C VAL B 88 -9.36 10.44 2.15
N SER B 89 -8.81 10.14 3.32
CA SER B 89 -8.78 8.77 3.83
C SER B 89 -8.80 8.79 5.33
N TRP B 90 -9.74 8.06 5.91
CA TRP B 90 -9.82 7.98 7.35
C TRP B 90 -9.92 6.55 7.85
N GLY B 91 -8.94 6.16 8.66
CA GLY B 91 -8.98 4.88 9.34
C GLY B 91 -9.01 3.73 8.35
N GLY B 92 -8.07 3.76 7.42
CA GLY B 92 -7.95 2.70 6.44
C GLY B 92 -9.00 2.71 5.35
N GLN B 93 -9.99 3.60 5.46
CA GLN B 93 -11.04 3.72 4.45
C GLN B 93 -11.06 5.08 3.73
N VAL B 94 -11.05 5.02 2.40
CA VAL B 94 -11.13 6.19 1.53
C VAL B 94 -12.44 6.97 1.73
N LEU B 95 -12.35 8.29 1.78
CA LEU B 95 -13.49 9.15 2.02
C LEU B 95 -13.92 9.99 0.82
N SER B 96 -15.23 9.97 0.58
CA SER B 96 -15.86 10.63 -0.54
C SER B 96 -17.26 11.03 -0.13
N THR B 97 -18.02 11.47 -1.12
CA THR B 97 -19.44 11.70 -0.97
C THR B 97 -20.19 10.41 -0.67
N THR B 98 -19.82 9.34 -1.34
CA THR B 98 -20.29 8.00 -1.06
C THR B 98 -19.97 7.66 0.39
N ALA B 99 -21.00 7.59 1.23
CA ALA B 99 -20.84 7.41 2.66
C ALA B 99 -20.18 6.08 3.02
N LYS B 100 -19.33 6.11 4.04
CA LYS B 100 -18.72 4.90 4.57
C LYS B 100 -19.15 4.69 6.01
N GLU B 101 -19.46 3.46 6.37
CA GLU B 101 -19.98 3.16 7.72
C GLU B 101 -18.91 2.55 8.64
N PHE B 102 -18.86 3.01 9.89
CA PHE B 102 -17.86 2.54 10.84
C PHE B 102 -18.50 2.00 12.13
N GLU B 103 -18.43 0.67 12.27
CA GLU B 103 -19.04 -0.04 13.39
C GLU B 103 -18.27 0.19 14.70
N ALA B 104 -19.02 0.33 15.79
CA ALA B 104 -18.43 0.65 17.08
C ALA B 104 -17.42 -0.41 17.53
N ALA B 105 -17.80 -1.68 17.40
CA ALA B 105 -16.94 -2.78 17.81
C ALA B 105 -15.69 -2.83 16.95
N ALA B 106 -15.82 -2.34 15.72
CA ALA B 106 -14.70 -2.28 14.81
C ALA B 106 -13.83 -1.06 15.10
N LEU B 107 -14.31 -0.18 15.99
CA LEU B 107 -13.55 1.01 16.36
C LEU B 107 -12.74 0.85 17.64
N GLY B 108 -13.06 -0.17 18.45
CA GLY B 108 -12.26 -0.55 19.60
C GLY B 108 -12.42 0.33 20.83
N TYR B 109 -13.67 0.63 21.18
CA TYR B 109 -13.98 1.59 22.22
C TYR B 109 -13.43 1.29 23.60
N SER B 110 -13.63 0.08 24.08
CA SER B 110 -13.16 -0.32 25.39
C SER B 110 -11.66 -0.14 25.37
N ALA B 111 -11.10 -0.45 24.21
CA ALA B 111 -9.71 -0.72 24.04
C ALA B 111 -8.88 0.50 24.37
N SER B 112 -9.56 1.63 24.50
CA SER B 112 -8.86 2.86 24.73
C SER B 112 -9.55 3.78 25.68
N GLY B 113 -8.73 4.57 26.35
CA GLY B 113 -9.21 5.80 26.93
C GLY B 113 -10.19 5.67 28.08
N VAL B 114 -10.66 6.81 28.59
CA VAL B 114 -11.70 6.85 29.58
C VAL B 114 -12.99 6.65 28.82
N ASN B 115 -14.10 6.44 29.51
CA ASN B 115 -15.28 5.93 28.83
C ASN B 115 -15.68 6.79 27.63
N GLY B 116 -16.02 6.09 26.55
CA GLY B 116 -16.54 6.64 25.30
C GLY B 116 -15.59 6.82 24.14
N VAL B 117 -14.42 7.37 24.44
CA VAL B 117 -13.32 7.61 23.49
C VAL B 117 -12.92 6.36 22.72
N SER B 118 -12.56 6.52 21.46
CA SER B 118 -12.22 5.38 20.62
C SER B 118 -10.72 5.22 20.44
N SER B 119 -10.35 4.17 19.73
CA SER B 119 -8.96 3.94 19.39
C SER B 119 -8.57 4.90 18.29
N SER B 120 -7.31 5.30 18.31
CA SER B 120 -6.75 6.16 17.28
C SER B 120 -7.06 5.67 15.85
N GLN B 121 -7.50 6.58 15.00
CA GLN B 121 -7.74 6.27 13.59
C GLN B 121 -6.96 7.22 12.72
N GLU B 122 -6.36 6.71 11.66
CA GLU B 122 -5.46 7.53 10.89
C GLU B 122 -6.30 8.47 10.05
N LEU B 123 -5.81 9.69 9.86
CA LEU B 123 -6.45 10.60 8.90
C LEU B 123 -5.44 11.09 7.88
N VAL B 124 -5.73 10.79 6.61
CA VAL B 124 -4.88 11.23 5.54
C VAL B 124 -5.62 12.18 4.59
N ILE B 125 -4.97 13.27 4.24
CA ILE B 125 -5.41 14.16 3.21
C ILE B 125 -4.26 14.39 2.26
N SER B 126 -4.60 14.35 1.00
CA SER B 126 -3.68 14.55 -0.08
C SER B 126 -4.40 14.97 -1.35
N ALA B 127 -3.62 15.17 -2.39
CA ALA B 127 -4.16 15.52 -3.68
C ALA B 127 -3.28 15.03 -4.79
N ALA B 128 -3.85 14.86 -5.99
CA ALA B 128 -3.06 14.44 -7.13
C ALA B 128 -3.49 15.28 -8.30
N PRO B 129 -2.58 15.51 -9.23
CA PRO B 129 -2.88 16.05 -10.55
C PRO B 129 -3.97 15.19 -11.23
N LYS B 130 -4.90 15.81 -11.93
CA LYS B 130 -5.98 15.06 -12.57
C LYS B 130 -5.55 14.21 -13.75
N THR B 131 -4.40 14.55 -14.32
CA THR B 131 -3.87 13.87 -15.45
C THR B 131 -2.56 13.44 -14.86
N ALA B 132 -2.65 12.56 -13.88
CA ALA B 132 -1.56 12.34 -12.97
C ALA B 132 -0.39 11.92 -13.82
N GLY B 133 0.78 12.42 -13.42
CA GLY B 133 2.03 12.26 -14.15
C GLY B 133 2.47 13.36 -15.09
N THR B 134 1.59 14.30 -15.34
CA THR B 134 1.97 15.49 -16.11
C THR B 134 1.85 16.76 -15.26
N ALA B 135 2.91 17.53 -15.26
CA ALA B 135 3.21 18.49 -14.21
C ALA B 135 2.03 19.40 -14.08
N PRO B 136 1.68 19.77 -12.77
CA PRO B 136 0.56 20.71 -12.72
C PRO B 136 1.06 22.14 -12.95
N THR B 137 0.16 23.05 -13.30
CA THR B 137 0.51 24.45 -13.52
C THR B 137 0.85 25.14 -12.20
N ALA B 138 1.88 25.99 -12.19
CA ALA B 138 2.31 26.66 -10.96
C ALA B 138 1.24 27.57 -10.33
N GLY B 139 1.56 28.12 -9.15
CA GLY B 139 0.64 28.99 -8.44
C GLY B 139 0.03 28.37 -7.18
N ASN B 140 -0.74 29.15 -6.45
CA ASN B 140 -1.39 28.69 -5.23
C ASN B 140 -2.77 28.12 -5.49
N TYR B 141 -3.25 27.29 -4.58
CA TYR B 141 -4.46 26.54 -4.79
C TYR B 141 -5.16 26.47 -3.46
N SER B 142 -6.44 26.19 -3.44
CA SER B 142 -7.13 26.18 -2.16
C SER B 142 -8.49 25.50 -2.23
N GLY B 143 -9.05 25.18 -1.07
CA GLY B 143 -10.33 24.50 -0.98
C GLY B 143 -10.70 24.21 0.44
N VAL B 144 -11.85 23.57 0.65
CA VAL B 144 -12.24 23.08 1.98
C VAL B 144 -12.62 21.61 1.95
N VAL B 145 -11.91 20.82 2.75
CA VAL B 145 -12.34 19.48 3.10
C VAL B 145 -13.33 19.63 4.24
N SER B 146 -14.58 19.29 4.01
CA SER B 146 -15.57 19.42 5.05
C SER B 146 -15.97 18.02 5.48
N LEU B 147 -16.37 17.89 6.73
CA LEU B 147 -16.40 16.58 7.34
C LEU B 147 -17.75 16.23 7.88
N VAL B 148 -18.42 15.23 7.29
CA VAL B 148 -19.74 14.84 7.76
C VAL B 148 -19.78 13.45 8.41
N MET B 149 -20.12 13.42 9.70
CA MET B 149 -20.19 12.15 10.41
C MET B 149 -21.33 12.12 11.41
N THR B 150 -22.24 11.18 11.20
CA THR B 150 -23.33 11.03 12.11
C THR B 150 -23.43 9.61 12.64
N LEU B 151 -24.20 9.44 13.71
CA LEU B 151 -24.33 8.14 14.35
C LEU B 151 -25.76 7.61 14.30
N GLY B 152 -25.95 6.47 13.64
CA GLY B 152 -27.25 5.86 13.53
C GLY B 152 -27.73 5.76 12.09
N SER B 153 -27.42 4.63 11.45
CA SER B 153 -27.80 4.41 10.06
C SER B 153 -28.90 3.35 9.97
N HIS C 6 29.60 10.97 -51.30
CA HIS C 6 28.38 10.22 -51.05
C HIS C 6 28.36 8.87 -51.74
N HIS C 7 27.18 8.48 -52.20
CA HIS C 7 26.99 7.25 -52.97
C HIS C 7 27.67 6.00 -52.32
N GLU C 8 28.31 5.21 -53.18
CA GLU C 8 29.05 3.99 -52.82
C GLU C 8 28.21 3.00 -51.97
N LYS C 9 28.54 2.75 -50.69
CA LYS C 9 27.64 1.84 -50.00
C LYS C 9 26.94 2.54 -48.83
N ASN C 10 25.61 2.57 -48.89
CA ASN C 10 24.81 3.25 -47.88
C ASN C 10 24.07 2.29 -46.94
N ILE C 11 24.06 2.62 -45.65
CA ILE C 11 23.39 1.78 -44.66
C ILE C 11 22.67 2.60 -43.61
N THR C 12 21.38 2.35 -43.44
CA THR C 12 20.61 3.12 -42.48
C THR C 12 20.75 2.49 -41.11
N VAL C 13 21.00 3.31 -40.09
CA VAL C 13 21.14 2.77 -38.75
C VAL C 13 20.04 3.29 -37.84
N THR C 14 19.21 2.40 -37.31
CA THR C 14 18.12 2.84 -36.42
C THR C 14 18.21 2.30 -34.99
N ALA C 15 17.35 2.86 -34.13
CA ALA C 15 17.40 2.55 -32.71
C ALA C 15 16.12 3.01 -32.04
N SER C 16 15.83 2.44 -30.88
CA SER C 16 14.69 2.85 -30.07
C SER C 16 15.10 2.93 -28.62
N VAL C 17 15.85 3.94 -28.28
CA VAL C 17 16.31 4.09 -26.94
C VAL C 17 15.16 4.21 -25.95
N ASP C 18 15.31 3.51 -24.83
CA ASP C 18 14.55 3.71 -23.61
C ASP C 18 15.48 3.46 -22.44
N PRO C 19 15.74 4.45 -21.60
CA PRO C 19 16.77 4.31 -20.60
C PRO C 19 16.21 3.75 -19.34
N VAL C 20 14.90 3.81 -19.17
CA VAL C 20 14.32 3.19 -18.01
C VAL C 20 14.33 1.68 -18.06
N ILE C 21 13.91 1.14 -19.18
CA ILE C 21 13.84 -0.28 -19.32
C ILE C 21 13.61 -0.59 -20.78
N ASP C 22 14.14 -1.70 -21.25
CA ASP C 22 13.98 -2.13 -22.63
C ASP C 22 14.08 -3.65 -22.72
N LEU C 23 13.35 -4.22 -23.67
CA LEU C 23 13.47 -5.65 -23.91
C LEU C 23 14.34 -5.90 -25.13
N LEU C 24 15.52 -6.47 -24.92
CA LEU C 24 16.38 -6.83 -26.04
C LEU C 24 16.29 -8.34 -26.24
N GLN C 25 16.95 -8.84 -27.28
CA GLN C 25 17.00 -10.26 -27.51
C GLN C 25 18.08 -10.83 -26.61
N ALA C 26 18.18 -12.15 -26.59
CA ALA C 26 19.21 -12.87 -25.86
C ALA C 26 20.59 -12.58 -26.40
N ASP C 27 20.67 -12.42 -27.70
CA ASP C 27 21.94 -12.25 -28.35
C ASP C 27 22.33 -10.79 -28.35
N GLY C 28 21.61 -9.99 -27.60
CA GLY C 28 21.95 -8.62 -27.37
C GLY C 28 21.45 -7.73 -28.48
N ASN C 29 20.88 -8.37 -29.50
CA ASN C 29 20.27 -7.63 -30.59
C ASN C 29 18.89 -7.10 -30.25
N ALA C 30 18.37 -6.26 -31.14
CA ALA C 30 17.04 -5.70 -31.01
C ALA C 30 16.03 -6.69 -31.55
N LEU C 31 14.86 -6.73 -30.92
CA LEU C 31 13.74 -7.49 -31.46
C LEU C 31 13.39 -6.87 -32.80
N PRO C 32 12.77 -7.67 -33.69
CA PRO C 32 12.44 -7.06 -34.98
C PRO C 32 11.29 -6.08 -34.78
N SER C 33 11.01 -5.30 -35.81
CA SER C 33 9.91 -4.37 -35.76
C SER C 33 8.65 -5.02 -36.36
N ALA C 34 8.89 -6.07 -37.16
CA ALA C 34 7.80 -6.83 -37.78
C ALA C 34 8.17 -8.29 -38.02
N VAL C 35 7.16 -9.17 -37.90
CA VAL C 35 7.35 -10.61 -38.07
C VAL C 35 6.24 -11.26 -38.92
N LYS C 36 6.63 -12.21 -39.76
CA LYS C 36 5.71 -12.92 -40.66
C LYS C 36 5.44 -14.34 -40.14
N LEU C 37 4.24 -14.59 -39.61
CA LEU C 37 3.92 -15.96 -39.22
C LEU C 37 3.47 -16.71 -40.47
N ALA C 38 3.85 -17.98 -40.56
CA ALA C 38 3.47 -18.81 -41.70
C ALA C 38 2.31 -19.75 -41.36
N TYR C 39 1.39 -19.89 -42.31
CA TYR C 39 0.25 -20.78 -42.16
C TYR C 39 0.52 -22.14 -42.79
N SER C 40 0.06 -23.21 -42.13
CA SER C 40 0.26 -24.55 -42.67
C SER C 40 -1.08 -25.15 -43.07
N PRO C 41 -1.32 -25.30 -44.38
CA PRO C 41 -2.55 -25.88 -44.92
C PRO C 41 -2.70 -27.29 -44.38
N ALA C 42 -1.63 -28.06 -44.47
CA ALA C 42 -1.60 -29.44 -44.02
C ALA C 42 -2.04 -29.58 -42.57
N SER C 43 -1.31 -28.93 -41.66
CA SER C 43 -1.57 -29.10 -40.24
C SER C 43 -2.73 -28.25 -39.80
N LYS C 44 -3.11 -27.28 -40.64
CA LYS C 44 -4.16 -26.33 -40.33
C LYS C 44 -3.81 -25.44 -39.12
N THR C 45 -2.53 -25.07 -38.97
CA THR C 45 -2.09 -24.21 -37.88
C THR C 45 -1.10 -23.13 -38.32
N PHE C 46 -0.76 -22.23 -37.38
CA PHE C 46 0.24 -21.22 -37.65
C PHE C 46 1.57 -21.58 -36.96
N GLU C 47 2.66 -21.55 -37.72
CA GLU C 47 3.98 -21.75 -37.14
C GLU C 47 4.30 -20.49 -36.34
N SER C 48 4.53 -20.66 -35.03
CA SER C 48 4.65 -19.51 -34.16
C SER C 48 5.99 -18.81 -34.27
N TYR C 49 6.06 -17.58 -33.77
CA TYR C 49 7.32 -16.88 -33.75
C TYR C 49 7.87 -16.91 -32.33
N ARG C 50 9.00 -17.59 -32.14
CA ARG C 50 9.60 -17.74 -30.82
C ARG C 50 10.95 -17.06 -30.77
N VAL C 51 11.24 -16.39 -29.66
CA VAL C 51 12.51 -15.69 -29.48
C VAL C 51 12.82 -15.50 -27.99
N MET C 52 14.11 -15.52 -27.63
CA MET C 52 14.52 -15.38 -26.24
C MET C 52 14.97 -13.97 -25.97
N THR C 53 14.53 -13.41 -24.85
CA THR C 53 14.85 -12.00 -24.58
C THR C 53 15.38 -11.77 -23.18
N GLN C 54 15.88 -10.57 -22.95
CA GLN C 54 16.36 -10.20 -21.64
C GLN C 54 15.95 -8.77 -21.28
N VAL C 55 15.12 -8.65 -20.24
CA VAL C 55 14.74 -7.34 -19.76
C VAL C 55 15.98 -6.65 -19.20
N HIS C 56 16.28 -5.46 -19.71
CA HIS C 56 17.33 -4.62 -19.18
C HIS C 56 16.66 -3.45 -18.51
N THR C 57 17.14 -3.08 -17.32
CA THR C 57 16.51 -2.00 -16.57
C THR C 57 17.49 -1.17 -15.77
N ASN C 58 16.94 -0.23 -14.99
CA ASN C 58 17.70 0.59 -14.07
C ASN C 58 17.42 0.21 -12.62
N ASP C 59 16.32 -0.51 -12.38
CA ASP C 59 16.01 -0.96 -11.03
C ASP C 59 15.58 -2.41 -11.12
N ALA C 60 16.25 -3.26 -10.34
CA ALA C 60 15.98 -4.67 -10.37
C ALA C 60 14.93 -5.02 -9.31
N THR C 61 14.69 -4.10 -8.39
CA THR C 61 13.79 -4.40 -7.29
C THR C 61 12.35 -4.52 -7.76
N LYS C 62 11.99 -3.64 -8.71
CA LYS C 62 10.60 -3.44 -9.10
C LYS C 62 9.99 -4.58 -9.89
N LYS C 63 8.78 -4.98 -9.49
CA LYS C 63 7.99 -5.99 -10.20
C LYS C 63 7.73 -5.48 -11.62
N VAL C 64 7.39 -6.37 -12.54
CA VAL C 64 7.06 -5.93 -13.89
C VAL C 64 5.77 -6.56 -14.39
N ILE C 65 4.77 -5.70 -14.60
CA ILE C 65 3.46 -6.13 -15.07
C ILE C 65 3.39 -5.91 -16.58
N VAL C 66 2.85 -6.89 -17.29
CA VAL C 66 2.84 -6.87 -18.75
C VAL C 66 1.43 -6.96 -19.32
N LYS C 67 1.12 -6.13 -20.31
CA LYS C 67 -0.16 -6.24 -21.01
C LYS C 67 -0.13 -5.72 -22.46
N LEU C 68 -1.21 -6.01 -23.18
CA LEU C 68 -1.31 -5.56 -24.54
C LEU C 68 -2.19 -4.29 -24.57
N ALA C 69 -1.71 -3.24 -25.25
CA ALA C 69 -2.41 -1.97 -25.35
C ALA C 69 -3.78 -2.21 -25.96
N ASP C 70 -3.82 -3.14 -26.90
CA ASP C 70 -5.09 -3.63 -27.40
C ASP C 70 -5.02 -5.13 -27.70
N THR C 71 -6.17 -5.78 -27.72
CA THR C 71 -6.25 -7.20 -28.06
C THR C 71 -5.82 -7.50 -29.48
N PRO C 72 -4.75 -8.30 -29.63
CA PRO C 72 -4.11 -8.61 -30.91
C PRO C 72 -5.00 -9.44 -31.85
N GLN C 73 -5.04 -9.02 -33.10
CA GLN C 73 -5.84 -9.66 -34.13
C GLN C 73 -5.09 -9.66 -35.46
N LEU C 74 -5.33 -10.66 -36.30
CA LEU C 74 -4.84 -10.63 -37.67
C LEU C 74 -6.00 -10.37 -38.62
N THR C 75 -5.89 -9.29 -39.38
CA THR C 75 -6.98 -8.79 -40.21
C THR C 75 -6.67 -8.95 -41.71
N ASP C 76 -7.64 -9.43 -42.49
CA ASP C 76 -7.48 -9.49 -43.95
C ASP C 76 -7.43 -8.05 -44.46
N VAL C 77 -6.31 -7.68 -45.07
CA VAL C 77 -6.05 -6.29 -45.47
C VAL C 77 -7.03 -5.83 -46.55
N LEU C 78 -7.49 -6.80 -47.34
CA LEU C 78 -8.64 -6.69 -48.24
C LEU C 78 -10.04 -6.61 -47.63
N ASN C 79 -10.34 -7.38 -46.60
CA ASN C 79 -11.63 -7.30 -45.94
C ASN C 79 -11.45 -7.24 -44.44
N SER C 80 -11.90 -6.19 -43.81
CA SER C 80 -11.65 -6.02 -42.40
C SER C 80 -12.68 -6.75 -41.58
N THR C 81 -13.56 -7.45 -42.24
CA THR C 81 -14.52 -8.29 -41.52
C THR C 81 -13.84 -9.57 -41.07
N VAL C 82 -12.81 -9.98 -41.81
CA VAL C 82 -12.11 -11.23 -41.55
C VAL C 82 -10.98 -11.02 -40.52
N GLN C 83 -11.14 -11.58 -39.32
CA GLN C 83 -10.15 -11.43 -38.23
C GLN C 83 -9.77 -12.72 -37.45
N MET C 84 -8.48 -13.07 -37.49
CA MET C 84 -7.96 -14.24 -36.77
C MET C 84 -7.02 -13.87 -35.63
N PRO C 85 -7.45 -14.17 -34.39
CA PRO C 85 -6.87 -13.66 -33.15
C PRO C 85 -5.39 -13.95 -33.07
N ILE C 86 -4.65 -13.13 -32.34
CA ILE C 86 -3.26 -13.46 -32.07
C ILE C 86 -3.07 -13.84 -30.60
N SER C 87 -2.76 -15.10 -30.36
CA SER C 87 -2.44 -15.57 -29.02
C SER C 87 -1.01 -15.18 -28.70
N VAL C 88 -0.81 -14.53 -27.56
CA VAL C 88 0.54 -14.12 -27.17
C VAL C 88 1.01 -14.78 -25.86
N SER C 89 2.32 -15.02 -25.74
CA SER C 89 2.90 -15.69 -24.57
C SER C 89 4.28 -15.13 -24.23
N TRP C 90 4.58 -14.95 -22.94
CA TRP C 90 5.92 -14.52 -22.55
C TRP C 90 6.43 -15.14 -21.26
N GLY C 91 7.44 -16.00 -21.40
CA GLY C 91 8.08 -16.62 -20.25
C GLY C 91 7.03 -17.39 -19.51
N GLY C 92 6.57 -18.46 -20.16
CA GLY C 92 5.54 -19.32 -19.59
C GLY C 92 4.14 -18.74 -19.64
N GLN C 93 4.03 -17.46 -19.29
CA GLN C 93 2.73 -16.83 -19.02
C GLN C 93 2.03 -16.22 -20.24
N VAL C 94 0.81 -16.68 -20.51
CA VAL C 94 -0.04 -16.09 -21.54
C VAL C 94 -0.36 -14.61 -21.28
N LEU C 95 -0.29 -13.84 -22.37
CA LEU C 95 -0.33 -12.40 -22.34
C LEU C 95 -1.55 -11.89 -23.08
N SER C 96 -2.23 -10.94 -22.45
CA SER C 96 -3.49 -10.42 -22.93
C SER C 96 -3.52 -8.96 -22.53
N THR C 97 -4.61 -8.28 -22.85
CA THR C 97 -4.75 -6.90 -22.47
C THR C 97 -4.64 -6.87 -20.96
N THR C 98 -5.17 -7.90 -20.32
CA THR C 98 -5.08 -8.02 -18.87
C THR C 98 -3.64 -8.30 -18.44
N ALA C 99 -2.94 -7.25 -18.02
CA ALA C 99 -1.55 -7.39 -17.60
C ALA C 99 -1.40 -8.30 -16.39
N LYS C 100 -0.59 -9.34 -16.54
CA LYS C 100 -0.33 -10.27 -15.44
C LYS C 100 0.69 -9.69 -14.47
N GLU C 101 1.21 -10.55 -13.59
CA GLU C 101 2.20 -10.10 -12.60
C GLU C 101 3.49 -10.93 -12.67
N PHE C 102 4.65 -10.25 -12.70
CA PHE C 102 5.94 -10.94 -12.76
C PHE C 102 6.93 -10.42 -11.73
N GLU C 103 7.29 -11.28 -10.79
CA GLU C 103 8.11 -10.89 -9.66
C GLU C 103 9.61 -10.89 -9.93
N ALA C 104 10.30 -9.91 -9.35
CA ALA C 104 11.70 -9.66 -9.68
C ALA C 104 12.63 -10.85 -9.39
N ALA C 105 12.48 -11.46 -8.22
CA ALA C 105 13.29 -12.61 -7.88
C ALA C 105 12.93 -13.82 -8.76
N ALA C 106 11.69 -13.84 -9.25
CA ALA C 106 11.24 -14.89 -10.16
C ALA C 106 11.73 -14.65 -11.59
N LEU C 107 12.64 -13.69 -11.75
CA LEU C 107 13.21 -13.38 -13.06
C LEU C 107 14.74 -13.53 -13.10
N GLY C 108 15.32 -13.85 -11.96
CA GLY C 108 16.72 -14.23 -11.90
C GLY C 108 17.68 -13.19 -12.44
N TYR C 109 17.72 -12.05 -11.77
CA TYR C 109 18.62 -10.97 -12.18
C TYR C 109 20.07 -11.29 -11.88
N SER C 110 20.32 -11.86 -10.70
CA SER C 110 21.65 -12.29 -10.29
C SER C 110 22.23 -13.36 -11.21
N ALA C 111 21.43 -14.38 -11.50
CA ALA C 111 21.83 -15.54 -12.29
C ALA C 111 22.37 -15.25 -13.70
N SER C 112 22.15 -14.06 -14.26
CA SER C 112 22.60 -13.81 -15.63
C SER C 112 22.98 -12.34 -15.92
N GLY C 113 24.25 -12.13 -16.31
CA GLY C 113 24.66 -10.88 -16.95
C GLY C 113 25.08 -9.69 -16.11
N VAL C 114 25.46 -8.63 -16.85
CA VAL C 114 25.79 -7.34 -16.29
C VAL C 114 24.57 -6.78 -15.64
N ASN C 115 24.81 -6.03 -14.59
CA ASN C 115 23.81 -5.72 -13.59
C ASN C 115 22.63 -5.12 -14.28
N GLY C 116 21.45 -5.47 -13.77
CA GLY C 116 20.19 -4.93 -14.24
C GLY C 116 19.61 -5.69 -15.38
N VAL C 117 20.29 -6.74 -15.79
CA VAL C 117 19.81 -7.57 -16.89
C VAL C 117 19.27 -8.88 -16.38
N SER C 118 18.14 -9.30 -16.90
CA SER C 118 17.47 -10.50 -16.46
C SER C 118 17.97 -11.79 -17.10
N SER C 119 17.45 -12.90 -16.65
CA SER C 119 17.62 -14.16 -17.33
C SER C 119 16.71 -14.27 -18.56
N SER C 120 17.10 -15.07 -19.53
CA SER C 120 16.34 -15.18 -20.77
C SER C 120 14.91 -15.68 -20.51
N GLN C 121 13.93 -15.07 -21.18
CA GLN C 121 12.54 -15.55 -21.19
C GLN C 121 12.09 -15.80 -22.63
N GLU C 122 11.31 -16.86 -22.84
CA GLU C 122 10.85 -17.20 -24.20
C GLU C 122 9.66 -16.34 -24.61
N LEU C 123 9.82 -15.61 -25.70
CA LEU C 123 8.71 -14.87 -26.29
C LEU C 123 8.11 -15.73 -27.39
N VAL C 124 6.79 -15.78 -27.44
CA VAL C 124 6.10 -16.54 -28.47
C VAL C 124 4.91 -15.72 -28.97
N ILE C 125 4.78 -15.60 -30.29
CA ILE C 125 3.61 -14.99 -30.88
C ILE C 125 2.97 -16.01 -31.81
N SER C 126 1.66 -16.17 -31.72
CA SER C 126 1.00 -17.08 -32.63
C SER C 126 -0.46 -16.69 -32.90
N ALA C 127 -1.13 -17.49 -33.70
CA ALA C 127 -2.47 -17.16 -34.13
C ALA C 127 -3.16 -18.39 -34.69
N ALA C 128 -4.48 -18.37 -34.68
CA ALA C 128 -5.27 -19.49 -35.13
C ALA C 128 -6.58 -19.01 -35.76
N PRO C 129 -7.14 -19.83 -36.66
CA PRO C 129 -8.50 -19.59 -37.15
C PRO C 129 -9.49 -19.59 -35.98
N LYS C 130 -10.45 -18.67 -35.98
CA LYS C 130 -11.41 -18.56 -34.89
C LYS C 130 -12.29 -19.80 -34.79
N THR C 131 -12.23 -20.63 -35.82
CA THR C 131 -13.01 -21.85 -35.89
C THR C 131 -12.00 -22.97 -36.07
N ALA C 132 -11.26 -23.25 -35.01
CA ALA C 132 -10.10 -24.15 -35.03
C ALA C 132 -10.36 -25.51 -35.71
N GLY C 133 -9.65 -25.75 -36.81
CA GLY C 133 -9.77 -26.99 -37.54
C GLY C 133 -10.44 -26.84 -38.89
N THR C 134 -11.13 -25.71 -39.02
CA THR C 134 -11.96 -25.34 -40.13
C THR C 134 -11.43 -24.08 -40.81
N ALA C 135 -11.15 -24.22 -42.10
CA ALA C 135 -10.20 -23.40 -42.83
C ALA C 135 -10.48 -21.89 -42.92
N PRO C 136 -9.32 -21.11 -42.96
CA PRO C 136 -9.56 -19.68 -43.10
C PRO C 136 -9.29 -19.18 -44.51
N THR C 137 -9.98 -18.12 -44.88
CA THR C 137 -9.99 -17.61 -46.23
C THR C 137 -8.66 -17.14 -46.78
N ALA C 138 -8.47 -17.40 -48.05
CA ALA C 138 -7.25 -17.11 -48.75
C ALA C 138 -7.10 -15.62 -48.63
N GLY C 139 -5.90 -15.11 -48.65
CA GLY C 139 -5.68 -13.69 -48.47
C GLY C 139 -4.35 -13.27 -47.89
N ASN C 140 -4.19 -11.98 -47.69
CA ASN C 140 -3.10 -11.48 -46.88
C ASN C 140 -3.61 -10.83 -45.61
N TYR C 141 -2.83 -10.95 -44.56
CA TYR C 141 -3.28 -10.51 -43.26
C TYR C 141 -2.21 -9.71 -42.61
N SER C 142 -2.62 -8.99 -41.58
CA SER C 142 -1.72 -8.14 -40.84
C SER C 142 -2.43 -7.71 -39.58
N GLY C 143 -1.63 -7.41 -38.56
CA GLY C 143 -2.08 -7.05 -37.24
C GLY C 143 -0.86 -6.50 -36.52
N VAL C 144 -1.08 -5.92 -35.35
CA VAL C 144 0.03 -5.39 -34.57
C VAL C 144 -0.01 -5.92 -33.13
N VAL C 145 1.15 -6.37 -32.65
CA VAL C 145 1.28 -6.75 -31.26
C VAL C 145 1.85 -5.54 -30.53
N SER C 146 1.08 -5.05 -29.55
CA SER C 146 1.48 -3.88 -28.79
C SER C 146 1.85 -4.35 -27.40
N LEU C 147 3.02 -3.93 -26.94
CA LEU C 147 3.60 -4.50 -25.72
C LEU C 147 3.72 -3.47 -24.63
N VAL C 148 2.83 -3.54 -23.67
CA VAL C 148 2.86 -2.64 -22.53
C VAL C 148 3.43 -3.39 -21.35
N MET C 149 4.50 -2.86 -20.80
CA MET C 149 5.07 -3.45 -19.61
C MET C 149 5.65 -2.34 -18.76
N THR C 150 5.53 -2.43 -17.44
CA THR C 150 6.12 -1.39 -16.61
C THR C 150 6.71 -1.86 -15.30
N LEU C 151 7.63 -1.07 -14.75
CA LEU C 151 8.05 -1.18 -13.35
C LEU C 151 7.04 -0.49 -12.45
N GLY C 152 7.14 -0.75 -11.15
CA GLY C 152 6.40 0.01 -10.16
C GLY C 152 5.79 -0.81 -9.05
MG MG D . 4.97 6.27 16.31
C1 EDO E . 1.04 7.18 27.89
O1 EDO E . 2.44 7.38 28.08
C2 EDO E . 0.41 7.68 29.18
O2 EDO E . -0.59 6.79 29.67
MG MG F . -3.83 -10.35 26.70
MG MG G . 13.51 8.13 22.03
#